data_5D9F
#
_entry.id   5D9F
#
_cell.length_a   94.784
_cell.length_b   94.784
_cell.length_c   178.164
_cell.angle_alpha   90.000
_cell.angle_beta   90.000
_cell.angle_gamma   120.000
#
_symmetry.space_group_name_H-M   'H 3 2'
#
loop_
_entity.id
_entity.type
_entity.pdbx_description
1 polymer 'tRNA (guanine-N(1)-)-methyltransferase'
2 non-polymer 6-{[(1R,3S)-3-phenylcyclopentyl]amino}pyridine-3-carboxamide
3 water water
#
_entity_poly.entity_id   1
_entity_poly.type   'polypeptide(L)'
_entity_poly.pdbx_seq_one_letter_code
;GLVPRGSHMWIGVISLFPEMFKAITEFGVTGRAVKHNLLKVECWNPRDFTFDKHKTVDDRPYGGGPGMLMMVQPLRDAIH
TAKAAAGEGAKVIYLSPQGRKLDQGGVTELAQNQKLILVCGRYEGIDERLIQTEIDEEWSIGDYVLTGGELPAMTLIDAV
ARFIPGVLGKQASAEEDSFADGLLDCPHYTRPEVLEGLTVPPVLMSGHHEEIRKWRLKQSLQRTWLRRPELLEGLALTDE
QRKLLKEAQAEHNS
;
_entity_poly.pdbx_strand_id   A
#
loop_
_chem_comp.id
_chem_comp.type
_chem_comp.name
_chem_comp.formula
58G non-polymer 6-{[(1R,3S)-3-phenylcyclopentyl]amino}pyridine-3-carboxamide 'C17 H19 N3 O'
#
# COMPACT_ATOMS: atom_id res chain seq x y z
N GLY A 6 17.72 -5.69 -7.87
CA GLY A 6 18.16 -7.06 -8.09
C GLY A 6 17.61 -7.96 -6.99
N SER A 7 16.76 -7.37 -6.15
CA SER A 7 16.18 -8.04 -5.01
C SER A 7 14.67 -8.16 -5.22
N HIS A 8 14.29 -8.96 -6.21
CA HIS A 8 12.91 -9.09 -6.63
C HIS A 8 11.98 -9.55 -5.49
N MET A 9 10.68 -9.46 -5.72
CA MET A 9 9.71 -9.75 -4.68
C MET A 9 8.68 -10.74 -5.21
N TRP A 10 8.30 -11.71 -4.38
CA TRP A 10 7.27 -12.64 -4.77
C TRP A 10 6.08 -12.40 -3.85
N ILE A 11 4.90 -12.23 -4.43
CA ILE A 11 3.73 -12.01 -3.61
C ILE A 11 2.65 -13.01 -3.95
N GLY A 12 2.28 -13.80 -2.96
CA GLY A 12 1.18 -14.74 -3.10
C GLY A 12 -0.09 -14.05 -2.67
N VAL A 13 -1.18 -14.33 -3.37
CA VAL A 13 -2.45 -13.71 -3.08
C VAL A 13 -3.54 -14.78 -2.97
N ILE A 14 -4.34 -14.71 -1.92
CA ILE A 14 -5.53 -15.55 -1.78
C ILE A 14 -6.75 -14.65 -2.01
N SER A 15 -7.50 -14.90 -3.07
CA SER A 15 -8.65 -14.05 -3.41
C SER A 15 -9.71 -14.79 -4.18
N LEU A 16 -10.98 -14.52 -3.85
CA LEU A 16 -12.11 -15.02 -4.63
C LEU A 16 -12.23 -14.33 -6.01
N PHE A 17 -11.47 -13.26 -6.22
CA PHE A 17 -11.50 -12.53 -7.49
C PHE A 17 -10.12 -12.18 -8.03
N PRO A 18 -9.31 -13.18 -8.39
CA PRO A 18 -7.91 -12.98 -8.77
C PRO A 18 -7.76 -12.06 -9.98
N GLU A 19 -8.79 -12.00 -10.82
CA GLU A 19 -8.72 -11.18 -12.02
C GLU A 19 -8.63 -9.69 -11.68
N MET A 20 -9.04 -9.32 -10.47
CA MET A 20 -8.89 -7.92 -10.04
C MET A 20 -7.43 -7.50 -10.10
N PHE A 21 -6.53 -8.44 -9.83
CA PHE A 21 -5.10 -8.14 -9.75
C PHE A 21 -4.47 -7.75 -11.08
N LYS A 22 -5.18 -8.00 -12.18
CA LYS A 22 -4.77 -7.48 -13.47
C LYS A 22 -4.57 -5.97 -13.45
N ALA A 23 -5.25 -5.29 -12.54
CA ALA A 23 -5.13 -3.82 -12.46
C ALA A 23 -3.71 -3.41 -12.14
N ILE A 24 -3.02 -4.20 -11.32
CA ILE A 24 -1.61 -3.87 -11.07
C ILE A 24 -0.64 -4.66 -11.95
N THR A 25 -1.00 -5.88 -12.36
CA THR A 25 -0.05 -6.72 -13.10
C THR A 25 0.02 -6.39 -14.59
N GLU A 26 -0.97 -5.69 -15.12
CA GLU A 26 -1.01 -5.44 -16.54
C GLU A 26 -0.79 -3.98 -16.94
N PHE A 27 -0.68 -3.08 -15.97
CA PHE A 27 -0.65 -1.65 -16.30
C PHE A 27 0.40 -0.86 -15.53
N GLY A 28 0.95 0.16 -16.19
CA GLY A 28 1.80 1.12 -15.54
C GLY A 28 3.12 0.57 -15.04
N VAL A 29 3.70 1.28 -14.07
CA VAL A 29 4.97 0.90 -13.47
C VAL A 29 4.95 -0.52 -12.89
N THR A 30 3.87 -0.89 -12.22
CA THR A 30 3.80 -2.23 -11.63
C THR A 30 3.67 -3.28 -12.72
N GLY A 31 2.94 -2.95 -13.78
CA GLY A 31 2.83 -3.81 -14.93
C GLY A 31 4.21 -4.10 -15.52
N ARG A 32 5.05 -3.08 -15.60
CA ARG A 32 6.40 -3.25 -16.12
C ARG A 32 7.24 -4.10 -15.17
N ALA A 33 7.12 -3.85 -13.87
CA ALA A 33 7.84 -4.67 -12.88
C ALA A 33 7.54 -6.15 -13.03
N VAL A 34 6.27 -6.47 -13.23
CA VAL A 34 5.87 -7.86 -13.44
C VAL A 34 6.47 -8.43 -14.73
N LYS A 35 6.31 -7.70 -15.83
CA LYS A 35 6.83 -8.14 -17.13
C LYS A 35 8.34 -8.40 -17.07
N HIS A 36 9.05 -7.57 -16.31
CA HIS A 36 10.49 -7.68 -16.17
C HIS A 36 10.94 -8.60 -15.03
N ASN A 37 9.99 -9.32 -14.43
CA ASN A 37 10.29 -10.26 -13.35
C ASN A 37 10.95 -9.66 -12.10
N LEU A 38 10.73 -8.37 -11.87
CA LEU A 38 11.16 -7.74 -10.62
C LEU A 38 10.13 -8.06 -9.55
N LEU A 39 8.91 -8.31 -10.01
CA LEU A 39 7.77 -8.53 -9.11
C LEU A 39 7.01 -9.71 -9.67
N LYS A 40 6.65 -10.66 -8.81
CA LYS A 40 5.79 -11.73 -9.27
C LYS A 40 4.57 -11.81 -8.37
N VAL A 41 3.38 -11.84 -8.97
CA VAL A 41 2.14 -11.94 -8.21
C VAL A 41 1.46 -13.23 -8.63
N GLU A 42 1.22 -14.11 -7.66
CA GLU A 42 0.65 -15.43 -7.94
C GLU A 42 -0.61 -15.60 -7.09
N CYS A 43 -1.73 -15.97 -7.72
CA CYS A 43 -3.01 -16.02 -7.01
C CYS A 43 -3.56 -17.43 -6.84
N TRP A 44 -4.20 -17.65 -5.69
CA TRP A 44 -4.96 -18.87 -5.42
C TRP A 44 -6.38 -18.49 -5.05
N ASN A 45 -7.36 -19.19 -5.62
CA ASN A 45 -8.77 -18.86 -5.40
C ASN A 45 -9.45 -19.93 -4.56
N PRO A 46 -9.94 -19.57 -3.36
CA PRO A 46 -10.59 -20.57 -2.49
C PRO A 46 -11.67 -21.36 -3.22
N ARG A 47 -12.30 -20.74 -4.22
CA ARG A 47 -13.33 -21.45 -4.96
C ARG A 47 -12.79 -22.74 -5.61
N ASP A 48 -11.53 -22.73 -6.02
CA ASP A 48 -10.93 -23.93 -6.61
C ASP A 48 -10.68 -25.03 -5.58
N PHE A 49 -10.86 -24.69 -4.31
CA PHE A 49 -10.61 -25.66 -3.25
C PHE A 49 -11.87 -26.18 -2.61
N THR A 50 -13.01 -25.85 -3.21
CA THR A 50 -14.28 -26.38 -2.74
C THR A 50 -14.50 -27.79 -3.31
N PHE A 51 -15.43 -28.52 -2.73
CA PHE A 51 -15.75 -29.86 -3.22
C PHE A 51 -17.23 -30.08 -3.52
N ASP A 52 -18.07 -29.13 -3.10
CA ASP A 52 -19.51 -29.34 -3.29
C ASP A 52 -19.91 -28.83 -4.67
N LYS A 53 -21.06 -29.26 -5.16
CA LYS A 53 -21.46 -28.97 -6.55
C LYS A 53 -21.52 -27.48 -6.86
N HIS A 54 -21.90 -26.67 -5.89
CA HIS A 54 -22.04 -25.24 -6.16
C HIS A 54 -20.83 -24.41 -5.74
N LYS A 55 -19.75 -25.11 -5.36
CA LYS A 55 -18.48 -24.46 -5.05
C LYS A 55 -18.68 -23.35 -4.03
N THR A 56 -19.19 -23.73 -2.86
CA THR A 56 -19.59 -22.77 -1.84
C THR A 56 -18.38 -22.20 -1.10
N VAL A 57 -18.30 -20.87 -1.03
CA VAL A 57 -17.13 -20.24 -0.43
C VAL A 57 -17.49 -19.38 0.77
N ASP A 58 -18.77 -19.35 1.15
CA ASP A 58 -19.16 -18.60 2.34
C ASP A 58 -19.83 -19.50 3.35
N ASP A 59 -20.00 -19.01 4.58
CA ASP A 59 -20.60 -19.84 5.65
C ASP A 59 -21.21 -18.90 6.69
N ARG A 60 -22.13 -19.43 7.49
CA ARG A 60 -22.89 -18.63 8.46
C ARG A 60 -22.11 -18.42 9.75
N PRO A 61 -22.20 -17.21 10.32
CA PRO A 61 -21.47 -17.00 11.57
C PRO A 61 -22.24 -17.62 12.73
N TYR A 62 -21.52 -18.20 13.68
CA TYR A 62 -22.15 -18.65 14.91
C TYR A 62 -22.63 -17.41 15.65
N GLY A 63 -23.78 -17.52 16.32
CA GLY A 63 -24.31 -16.43 17.12
C GLY A 63 -25.26 -15.57 16.33
N GLY A 64 -25.47 -15.94 15.07
CA GLY A 64 -26.39 -15.21 14.23
C GLY A 64 -25.80 -13.89 13.77
N GLY A 65 -26.64 -13.05 13.19
CA GLY A 65 -26.17 -11.81 12.60
C GLY A 65 -26.50 -11.80 11.14
N PRO A 66 -26.37 -10.64 10.49
CA PRO A 66 -26.81 -10.47 9.10
C PRO A 66 -25.86 -11.08 8.05
N GLY A 67 -24.56 -10.87 8.20
CA GLY A 67 -23.63 -11.25 7.15
C GLY A 67 -23.16 -12.70 7.15
N MET A 68 -22.32 -13.02 6.16
CA MET A 68 -21.68 -14.31 6.05
C MET A 68 -20.17 -14.15 6.26
N LEU A 69 -19.50 -15.21 6.68
CA LEU A 69 -18.05 -15.23 6.69
C LEU A 69 -17.55 -16.09 5.54
N MET A 70 -16.27 -15.98 5.21
CA MET A 70 -15.66 -16.90 4.26
CA MET A 70 -15.73 -16.90 4.24
C MET A 70 -15.66 -18.30 4.86
N MET A 71 -15.94 -19.30 4.04
CA MET A 71 -15.95 -20.69 4.51
C MET A 71 -14.53 -21.12 4.87
N VAL A 72 -14.39 -21.74 6.04
CA VAL A 72 -13.07 -22.08 6.55
C VAL A 72 -12.29 -23.05 5.66
N GLN A 73 -12.92 -24.16 5.28
CA GLN A 73 -12.15 -25.21 4.59
C GLN A 73 -11.50 -24.78 3.24
N PRO A 74 -12.28 -24.20 2.33
CA PRO A 74 -11.65 -23.79 1.07
C PRO A 74 -10.59 -22.71 1.30
N LEU A 75 -10.86 -21.79 2.21
CA LEU A 75 -9.92 -20.70 2.46
C LEU A 75 -8.63 -21.22 3.07
N ARG A 76 -8.78 -22.06 4.07
CA ARG A 76 -7.64 -22.67 4.75
C ARG A 76 -6.80 -23.48 3.77
N ASP A 77 -7.46 -24.25 2.91
CA ASP A 77 -6.72 -25.09 1.95
C ASP A 77 -5.95 -24.24 0.95
N ALA A 78 -6.54 -23.10 0.56
CA ALA A 78 -5.86 -22.20 -0.37
C ALA A 78 -4.61 -21.59 0.28
N ILE A 79 -4.73 -21.20 1.54
CA ILE A 79 -3.61 -20.61 2.26
C ILE A 79 -2.45 -21.63 2.36
N HIS A 80 -2.78 -22.86 2.73
CA HIS A 80 -1.77 -23.91 2.86
C HIS A 80 -1.05 -24.14 1.53
N THR A 81 -1.79 -24.11 0.43
CA THR A 81 -1.21 -24.26 -0.90
C THR A 81 -0.27 -23.12 -1.27
N ALA A 82 -0.66 -21.89 -0.94
CA ALA A 82 0.22 -20.75 -1.21
C ALA A 82 1.49 -20.85 -0.36
N LYS A 83 1.34 -21.25 0.90
CA LYS A 83 2.48 -21.40 1.81
C LYS A 83 3.45 -22.46 1.31
N ALA A 84 2.91 -23.56 0.76
CA ALA A 84 3.77 -24.61 0.22
C ALA A 84 4.53 -24.13 -1.01
N ALA A 85 3.88 -23.31 -1.84
CA ALA A 85 4.56 -22.75 -3.02
C ALA A 85 5.63 -21.73 -2.64
N ALA A 86 5.40 -21.02 -1.54
CA ALA A 86 6.30 -19.95 -1.14
C ALA A 86 7.57 -20.49 -0.50
N GLY A 87 7.47 -21.68 0.07
CA GLY A 87 8.58 -22.25 0.80
C GLY A 87 8.74 -21.51 2.12
N GLU A 88 9.98 -21.43 2.60
CA GLU A 88 10.24 -20.85 3.91
C GLU A 88 10.43 -19.34 3.88
N GLY A 89 9.99 -18.67 4.95
CA GLY A 89 10.24 -17.26 5.12
C GLY A 89 9.14 -16.33 4.60
N ALA A 90 8.02 -16.88 4.15
CA ALA A 90 6.93 -16.04 3.65
C ALA A 90 6.02 -15.60 4.78
N LYS A 91 5.99 -14.30 5.06
CA LYS A 91 5.10 -13.71 6.05
C LYS A 91 3.68 -13.68 5.49
N VAL A 92 2.71 -14.18 6.26
CA VAL A 92 1.32 -14.18 5.81
C VAL A 92 0.54 -12.99 6.40
N ILE A 93 -0.07 -12.19 5.52
CA ILE A 93 -0.72 -10.96 5.96
C ILE A 93 -2.22 -10.95 5.65
N TYR A 94 -3.02 -10.57 6.63
CA TYR A 94 -4.46 -10.38 6.43
C TYR A 94 -4.81 -8.90 6.43
N LEU A 95 -5.45 -8.42 5.36
CA LEU A 95 -5.81 -7.00 5.24
C LEU A 95 -7.17 -6.76 5.86
N SER A 96 -7.25 -5.86 6.84
CA SER A 96 -8.52 -5.55 7.48
C SER A 96 -8.46 -4.23 8.22
N PRO A 97 -9.63 -3.61 8.49
CA PRO A 97 -9.65 -2.39 9.29
C PRO A 97 -9.13 -2.57 10.74
N GLN A 98 -9.06 -3.82 11.22
CA GLN A 98 -8.60 -4.09 12.59
C GLN A 98 -7.10 -4.21 12.65
N GLY A 99 -6.43 -4.08 11.52
CA GLY A 99 -5.01 -4.32 11.45
C GLY A 99 -4.19 -3.09 11.78
N ARG A 100 -2.88 -3.28 11.82
CA ARG A 100 -1.93 -2.17 12.00
C ARG A 100 -2.08 -1.19 10.85
N LYS A 101 -2.13 0.10 11.16
CA LYS A 101 -2.34 1.10 10.12
C LYS A 101 -1.10 1.25 9.24
N LEU A 102 -1.28 1.05 7.93
CA LEU A 102 -0.17 1.23 7.00
C LEU A 102 0.24 2.70 6.85
N ASP A 103 1.54 2.97 6.90
CA ASP A 103 2.09 4.27 6.49
C ASP A 103 3.41 4.00 5.79
N GLN A 104 4.11 5.05 5.33
CA GLN A 104 5.30 4.84 4.51
C GLN A 104 6.39 4.06 5.26
N GLY A 105 6.51 4.31 6.57
CA GLY A 105 7.45 3.56 7.38
C GLY A 105 7.10 2.07 7.40
N GLY A 106 5.82 1.78 7.58
CA GLY A 106 5.33 0.41 7.52
C GLY A 106 5.55 -0.24 6.16
N VAL A 107 5.40 0.54 5.09
CA VAL A 107 5.70 0.03 3.75
C VAL A 107 7.16 -0.40 3.61
N THR A 108 8.07 0.46 4.06
CA THR A 108 9.50 0.16 3.98
C THR A 108 9.84 -1.10 4.81
N GLU A 109 9.16 -1.27 5.94
CA GLU A 109 9.34 -2.48 6.75
C GLU A 109 8.91 -3.72 5.95
N LEU A 110 7.70 -3.67 5.40
CA LEU A 110 7.15 -4.77 4.61
C LEU A 110 7.98 -5.07 3.38
N ALA A 111 8.58 -4.03 2.80
CA ALA A 111 9.41 -4.20 1.60
C ALA A 111 10.70 -4.98 1.87
N GLN A 112 11.02 -5.21 3.14
CA GLN A 112 12.20 -6.01 3.51
C GLN A 112 11.96 -7.49 3.24
N ASN A 113 10.70 -7.89 3.20
CA ASN A 113 10.36 -9.28 2.96
C ASN A 113 10.55 -9.67 1.49
N GLN A 114 11.15 -10.83 1.29
CA GLN A 114 11.37 -11.34 -0.06
C GLN A 114 10.09 -11.98 -0.55
N LYS A 115 9.30 -12.51 0.39
CA LYS A 115 8.07 -13.22 0.07
C LYS A 115 6.93 -12.78 1.00
N LEU A 116 5.76 -12.54 0.43
CA LEU A 116 4.59 -12.16 1.20
C LEU A 116 3.41 -12.97 0.71
N ILE A 117 2.51 -13.33 1.62
CA ILE A 117 1.25 -13.91 1.20
C ILE A 117 0.14 -13.01 1.73
N LEU A 118 -0.70 -12.55 0.83
CA LEU A 118 -1.77 -11.61 1.19
C LEU A 118 -3.12 -12.29 1.09
N VAL A 119 -3.84 -12.33 2.21
CA VAL A 119 -5.13 -13.02 2.25
C VAL A 119 -6.21 -11.96 2.13
N CYS A 120 -7.07 -12.08 1.12
CA CYS A 120 -8.07 -11.04 0.84
C CYS A 120 -9.44 -11.46 1.35
N GLY A 121 -9.93 -10.77 2.38
CA GLY A 121 -11.22 -11.11 2.94
C GLY A 121 -12.38 -10.65 2.07
N ARG A 122 -13.46 -11.41 2.06
CA ARG A 122 -14.71 -10.95 1.43
C ARG A 122 -15.83 -11.17 2.44
N TYR A 123 -17.04 -10.72 2.10
CA TYR A 123 -18.19 -10.80 3.02
C TYR A 123 -17.91 -10.09 4.35
N GLU A 124 -18.22 -10.72 5.49
CA GLU A 124 -17.92 -10.09 6.78
C GLU A 124 -16.54 -10.45 7.33
N GLY A 125 -15.76 -11.14 6.52
CA GLY A 125 -14.38 -11.40 6.90
C GLY A 125 -14.11 -12.88 7.11
N ILE A 126 -13.14 -13.20 7.94
CA ILE A 126 -12.77 -14.59 8.14
C ILE A 126 -12.83 -15.00 9.62
N ASP A 127 -12.86 -16.31 9.85
CA ASP A 127 -12.94 -16.89 11.18
C ASP A 127 -11.73 -16.47 12.01
N GLU A 128 -11.96 -15.96 13.21
CA GLU A 128 -10.89 -15.46 14.09
C GLU A 128 -9.78 -16.48 14.30
N ARG A 129 -10.14 -17.75 14.39
CA ARG A 129 -9.17 -18.80 14.64
C ARG A 129 -8.20 -18.99 13.48
N LEU A 130 -8.62 -18.66 12.26
CA LEU A 130 -7.70 -18.68 11.11
C LEU A 130 -6.65 -17.58 11.26
N ILE A 131 -7.04 -16.46 11.85
CA ILE A 131 -6.10 -15.38 12.09
C ILE A 131 -5.06 -15.85 13.09
N GLN A 132 -5.53 -16.50 14.15
CA GLN A 132 -4.62 -17.06 15.14
C GLN A 132 -3.68 -18.11 14.55
N THR A 133 -4.21 -18.99 13.69
CA THR A 133 -3.42 -20.13 13.22
C THR A 133 -2.68 -19.91 11.89
N GLU A 134 -3.19 -19.03 11.03
CA GLU A 134 -2.62 -18.91 9.69
C GLU A 134 -2.00 -17.55 9.39
N ILE A 135 -2.41 -16.52 10.11
CA ILE A 135 -1.97 -15.16 9.79
C ILE A 135 -0.84 -14.69 10.69
N ASP A 136 0.21 -14.13 10.09
CA ASP A 136 1.31 -13.58 10.87
C ASP A 136 1.04 -12.14 11.35
N GLU A 137 0.56 -11.29 10.44
CA GLU A 137 0.28 -9.90 10.77
C GLU A 137 -1.01 -9.42 10.09
N GLU A 138 -1.79 -8.60 10.78
CA GLU A 138 -2.94 -7.93 10.18
C GLU A 138 -2.57 -6.48 9.89
N TRP A 139 -2.89 -5.98 8.71
CA TRP A 139 -2.63 -4.58 8.37
C TRP A 139 -3.88 -3.94 7.78
N SER A 140 -4.04 -2.64 8.03
CA SER A 140 -5.11 -1.85 7.42
C SER A 140 -4.48 -0.77 6.56
N ILE A 141 -5.09 -0.47 5.43
CA ILE A 141 -4.61 0.63 4.59
C ILE A 141 -5.22 1.96 5.03
N GLY A 142 -6.15 1.90 5.97
CA GLY A 142 -6.76 3.11 6.50
C GLY A 142 -8.06 2.85 7.22
N ASP A 143 -8.53 3.84 7.97
CA ASP A 143 -9.72 3.67 8.80
C ASP A 143 -11.02 3.81 8.03
N TYR A 144 -11.25 2.88 7.11
CA TYR A 144 -12.50 2.84 6.34
C TYR A 144 -12.82 1.39 5.98
N VAL A 145 -14.07 1.10 5.67
CA VAL A 145 -14.50 -0.27 5.38
C VAL A 145 -14.78 -0.45 3.89
N LEU A 146 -14.29 -1.57 3.34
CA LEU A 146 -14.41 -1.87 1.92
C LEU A 146 -15.11 -3.21 1.74
N THR A 147 -15.54 -3.51 0.51
CA THR A 147 -16.27 -4.75 0.24
C THR A 147 -15.34 -5.96 0.13
N GLY A 148 -14.05 -5.70 -0.01
CA GLY A 148 -13.09 -6.79 -0.05
C GLY A 148 -11.68 -6.35 0.24
N GLY A 149 -10.81 -7.30 0.56
CA GLY A 149 -9.40 -7.00 0.83
C GLY A 149 -8.53 -6.89 -0.40
N GLU A 150 -9.09 -7.06 -1.59
CA GLU A 150 -8.29 -7.01 -2.81
C GLU A 150 -7.70 -5.62 -3.11
N LEU A 151 -8.50 -4.58 -2.99
CA LEU A 151 -7.96 -3.24 -3.16
C LEU A 151 -6.86 -2.92 -2.14
N PRO A 152 -7.10 -3.22 -0.84
CA PRO A 152 -5.98 -3.04 0.10
C PRO A 152 -4.77 -3.89 -0.23
N ALA A 153 -4.97 -5.13 -0.70
CA ALA A 153 -3.83 -5.96 -1.09
C ALA A 153 -3.07 -5.30 -2.23
N MET A 154 -3.78 -4.77 -3.23
CA MET A 154 -3.09 -4.17 -4.39
C MET A 154 -2.39 -2.87 -4.02
N THR A 155 -3.05 -2.11 -3.14
CA THR A 155 -2.46 -0.89 -2.57
C THR A 155 -1.12 -1.21 -1.91
N LEU A 156 -1.10 -2.25 -1.08
CA LEU A 156 0.14 -2.66 -0.41
C LEU A 156 1.19 -3.07 -1.43
N ILE A 157 0.80 -3.92 -2.38
CA ILE A 157 1.73 -4.38 -3.41
C ILE A 157 2.33 -3.20 -4.19
N ASP A 158 1.49 -2.26 -4.61
CA ASP A 158 1.97 -1.08 -5.33
C ASP A 158 2.97 -0.29 -4.48
N ALA A 159 2.64 -0.07 -3.20
CA ALA A 159 3.51 0.71 -2.33
C ALA A 159 4.89 0.06 -2.12
N VAL A 160 4.91 -1.25 -1.89
CA VAL A 160 6.18 -1.93 -1.66
C VAL A 160 6.98 -2.10 -2.95
N ALA A 161 6.26 -2.28 -4.05
CA ALA A 161 6.88 -2.41 -5.38
C ALA A 161 7.84 -1.26 -5.69
N ARG A 162 7.51 -0.07 -5.20
CA ARG A 162 8.32 1.11 -5.49
C ARG A 162 9.70 1.01 -4.84
N PHE A 163 9.81 0.17 -3.82
CA PHE A 163 11.08 -0.03 -3.14
C PHE A 163 11.93 -1.15 -3.71
N ILE A 164 11.40 -1.83 -4.71
CA ILE A 164 12.15 -2.85 -5.41
C ILE A 164 13.06 -2.15 -6.41
N PRO A 165 14.38 -2.35 -6.26
CA PRO A 165 15.34 -1.66 -7.14
C PRO A 165 15.08 -1.99 -8.60
N GLY A 166 14.97 -0.96 -9.44
CA GLY A 166 14.72 -1.17 -10.85
C GLY A 166 13.29 -0.86 -11.25
N VAL A 167 12.39 -0.88 -10.28
CA VAL A 167 10.99 -0.63 -10.57
C VAL A 167 10.75 0.84 -10.95
N LEU A 168 11.34 1.75 -10.19
CA LEU A 168 11.20 3.18 -10.47
C LEU A 168 12.26 3.65 -11.47
N GLY A 169 12.07 4.86 -12.00
CA GLY A 169 13.02 5.43 -12.94
C GLY A 169 14.09 6.27 -12.26
N ASP A 181 11.31 12.24 3.41
CA ASP A 181 11.87 12.75 4.65
C ASP A 181 10.77 13.17 5.63
N GLY A 182 9.59 12.57 5.49
CA GLY A 182 8.52 12.79 6.44
C GLY A 182 7.65 14.00 6.15
N LEU A 183 7.92 14.68 5.03
CA LEU A 183 7.20 15.91 4.68
C LEU A 183 6.31 15.73 3.46
N LEU A 184 5.25 16.54 3.35
CA LEU A 184 4.44 16.56 2.14
C LEU A 184 5.28 17.13 0.99
N ASP A 185 4.91 16.81 -0.25
CA ASP A 185 5.68 17.21 -1.42
C ASP A 185 5.45 18.69 -1.76
N CYS A 186 6.43 19.33 -2.42
CA CYS A 186 6.26 20.71 -2.87
C CYS A 186 5.36 20.75 -4.11
N PRO A 187 4.75 21.91 -4.40
CA PRO A 187 4.04 22.09 -5.67
C PRO A 187 4.97 21.90 -6.86
N HIS A 188 4.46 21.35 -7.96
CA HIS A 188 5.26 21.14 -9.17
C HIS A 188 4.56 21.84 -10.33
N TYR A 189 5.32 22.26 -11.32
CA TYR A 189 4.79 23.01 -12.46
C TYR A 189 5.37 22.46 -13.75
N THR A 190 4.57 22.44 -14.81
CA THR A 190 5.08 22.13 -16.14
C THR A 190 4.45 23.11 -17.13
N ARG A 191 4.67 22.92 -18.42
CA ARG A 191 4.14 23.85 -19.43
C ARG A 191 2.62 23.92 -19.38
N PRO A 192 2.04 25.10 -19.68
CA PRO A 192 2.68 26.36 -20.11
C PRO A 192 3.12 27.27 -18.96
N GLU A 193 3.88 28.31 -19.32
CA GLU A 193 4.40 29.25 -18.33
C GLU A 193 3.28 30.00 -17.62
N VAL A 194 2.21 30.31 -18.36
CA VAL A 194 1.03 30.92 -17.77
C VAL A 194 -0.18 30.01 -18.01
N LEU A 195 -0.95 29.74 -16.97
CA LEU A 195 -2.12 28.89 -17.10
C LEU A 195 -3.29 29.55 -16.38
N GLU A 196 -4.25 30.02 -17.15
CA GLU A 196 -5.40 30.77 -16.61
C GLU A 196 -4.97 31.93 -15.72
N GLY A 197 -3.96 32.68 -16.16
CA GLY A 197 -3.47 33.83 -15.43
C GLY A 197 -2.44 33.48 -14.37
N LEU A 198 -2.30 32.19 -14.09
CA LEU A 198 -1.38 31.73 -13.04
C LEU A 198 0.01 31.42 -13.59
N THR A 199 1.01 32.08 -13.04
CA THR A 199 2.37 32.00 -13.56
C THR A 199 3.20 31.00 -12.75
N VAL A 200 4.22 30.42 -13.39
CA VAL A 200 5.16 29.57 -12.69
C VAL A 200 6.09 30.46 -11.85
N PRO A 201 6.33 30.09 -10.57
CA PRO A 201 7.30 30.82 -9.74
C PRO A 201 8.63 31.02 -10.47
N PRO A 202 9.09 32.28 -10.59
CA PRO A 202 10.33 32.61 -11.30
C PRO A 202 11.54 31.75 -10.88
N VAL A 203 11.68 31.47 -9.59
CA VAL A 203 12.84 30.68 -9.13
C VAL A 203 12.99 29.36 -9.90
N LEU A 204 11.87 28.73 -10.24
CA LEU A 204 11.88 27.50 -11.02
C LEU A 204 12.37 27.71 -12.45
N MET A 205 12.32 28.95 -12.93
CA MET A 205 12.81 29.31 -14.27
C MET A 205 14.25 29.79 -14.24
N SER A 206 14.78 30.04 -13.04
CA SER A 206 16.06 30.75 -12.87
C SER A 206 17.29 29.93 -13.21
N GLY A 207 17.15 28.60 -13.26
CA GLY A 207 18.29 27.73 -13.49
C GLY A 207 19.19 27.59 -12.28
N HIS A 208 18.89 28.35 -11.22
CA HIS A 208 19.73 28.34 -10.02
C HIS A 208 19.36 27.19 -9.10
N HIS A 209 20.12 26.10 -9.21
CA HIS A 209 19.76 24.83 -8.60
C HIS A 209 19.70 24.84 -7.08
N GLU A 210 20.52 25.66 -6.43
CA GLU A 210 20.48 25.73 -4.97
C GLU A 210 19.29 26.56 -4.49
N GLU A 211 18.96 27.62 -5.20
CA GLU A 211 17.77 28.40 -4.87
C GLU A 211 16.51 27.54 -5.02
N ILE A 212 16.47 26.74 -6.08
CA ILE A 212 15.32 25.89 -6.34
C ILE A 212 15.15 24.83 -5.25
N ARG A 213 16.27 24.25 -4.82
CA ARG A 213 16.23 23.24 -3.77
C ARG A 213 15.61 23.80 -2.49
N LYS A 214 16.12 24.96 -2.07
CA LYS A 214 15.64 25.63 -0.87
C LYS A 214 14.18 26.09 -0.97
N TRP A 215 13.78 26.54 -2.16
CA TRP A 215 12.38 26.90 -2.39
C TRP A 215 11.45 25.69 -2.22
N ARG A 216 11.77 24.57 -2.86
CA ARG A 216 10.95 23.36 -2.75
C ARG A 216 10.88 22.86 -1.30
N LEU A 217 12.02 22.88 -0.61
CA LEU A 217 12.09 22.44 0.79
C LEU A 217 11.21 23.32 1.65
N LYS A 218 11.33 24.63 1.47
CA LYS A 218 10.50 25.57 2.20
C LYS A 218 9.01 25.35 1.92
N GLN A 219 8.67 25.08 0.66
CA GLN A 219 7.28 24.79 0.30
C GLN A 219 6.79 23.51 0.96
N SER A 220 7.63 22.49 0.98
CA SER A 220 7.29 21.22 1.65
C SER A 220 6.99 21.43 3.12
N LEU A 221 7.86 22.19 3.79
CA LEU A 221 7.71 22.50 5.20
C LEU A 221 6.44 23.31 5.46
N GLN A 222 6.20 24.33 4.65
CA GLN A 222 5.00 25.15 4.78
C GLN A 222 3.73 24.33 4.54
N ARG A 223 3.72 23.55 3.48
CA ARG A 223 2.56 22.73 3.15
C ARG A 223 2.29 21.73 4.26
N THR A 224 3.34 21.09 4.76
CA THR A 224 3.17 20.13 5.85
C THR A 224 2.61 20.83 7.09
N TRP A 225 3.13 22.02 7.37
CA TRP A 225 2.71 22.78 8.55
C TRP A 225 1.25 23.17 8.46
N LEU A 226 0.83 23.59 7.27
CA LEU A 226 -0.55 24.05 7.07
C LEU A 226 -1.56 22.91 7.02
N ARG A 227 -1.20 21.80 6.39
CA ARG A 227 -2.15 20.70 6.16
C ARG A 227 -2.06 19.56 7.16
N ARG A 228 -0.85 19.27 7.62
CA ARG A 228 -0.61 18.11 8.48
C ARG A 228 0.38 18.46 9.58
N PRO A 229 0.02 19.43 10.45
CA PRO A 229 1.03 19.92 11.40
C PRO A 229 1.52 18.84 12.35
N GLU A 230 0.69 17.82 12.60
CA GLU A 230 1.11 16.75 13.49
C GLU A 230 2.32 15.99 12.93
N LEU A 231 2.48 15.99 11.61
CA LEU A 231 3.61 15.31 10.98
C LEU A 231 4.96 15.93 11.38
N LEU A 232 4.97 17.23 11.63
CA LEU A 232 6.20 17.93 11.99
C LEU A 232 6.72 17.53 13.37
N GLU A 233 5.79 17.10 14.22
CA GLU A 233 6.14 16.66 15.57
C GLU A 233 6.94 15.38 15.54
N GLY A 234 6.71 14.56 14.53
CA GLY A 234 7.41 13.29 14.42
C GLY A 234 8.83 13.48 13.93
N LEU A 235 9.18 14.74 13.66
CA LEU A 235 10.45 15.06 13.02
C LEU A 235 11.42 15.83 13.90
N ALA A 236 12.70 15.57 13.67
CA ALA A 236 13.77 16.36 14.24
C ALA A 236 14.35 17.13 13.06
N LEU A 237 13.95 18.39 12.92
CA LEU A 237 14.32 19.18 11.75
C LEU A 237 15.79 19.58 11.76
N THR A 238 16.41 19.60 10.58
CA THR A 238 17.76 20.13 10.46
C THR A 238 17.73 21.63 10.74
N ASP A 239 18.88 22.24 11.00
CA ASP A 239 18.93 23.69 11.19
C ASP A 239 18.32 24.41 9.99
N GLU A 240 18.61 23.90 8.79
CA GLU A 240 18.11 24.52 7.55
C GLU A 240 16.59 24.43 7.49
N GLN A 241 16.05 23.27 7.85
CA GLN A 241 14.60 23.08 7.88
C GLN A 241 13.93 23.96 8.90
N ARG A 242 14.51 24.06 10.09
CA ARG A 242 14.00 24.95 11.15
C ARG A 242 13.90 26.38 10.64
N LYS A 243 14.94 26.83 9.97
CA LYS A 243 15.01 28.19 9.45
C LYS A 243 13.94 28.44 8.40
N LEU A 244 13.87 27.58 7.39
CA LEU A 244 12.90 27.71 6.31
C LEU A 244 11.47 27.67 6.82
N LEU A 245 11.20 26.80 7.79
CA LEU A 245 9.87 26.71 8.39
C LEU A 245 9.51 28.03 9.10
N LYS A 246 10.44 28.53 9.93
CA LYS A 246 10.25 29.83 10.58
C LYS A 246 9.96 30.93 9.57
N GLU A 247 10.72 30.95 8.47
CA GLU A 247 10.50 31.92 7.40
C GLU A 247 9.08 31.82 6.87
N ALA A 248 8.66 30.60 6.55
CA ALA A 248 7.33 30.36 5.98
C ALA A 248 6.21 30.79 6.93
N GLN A 249 6.35 30.42 8.20
CA GLN A 249 5.37 30.81 9.21
C GLN A 249 5.32 32.34 9.38
N ALA A 250 6.47 32.99 9.25
CA ALA A 250 6.54 34.45 9.30
C ALA A 250 5.80 35.09 8.13
N GLU A 251 6.09 34.63 6.92
CA GLU A 251 5.46 35.15 5.71
C GLU A 251 3.96 34.87 5.69
N HIS A 252 3.59 33.68 6.15
CA HIS A 252 2.17 33.33 6.20
C HIS A 252 1.43 34.25 7.17
N ASN A 253 2.11 34.65 8.24
CA ASN A 253 1.51 35.48 9.30
C ASN A 253 1.35 36.95 8.92
C17 58G B . -14.52 -5.58 9.10
C16 58G B . -15.01 -5.33 7.84
C18 58G B . -13.62 -6.61 9.30
C5 58G B . -10.98 -2.34 4.60
C15 58G B . -14.61 -6.11 6.79
C19 58G B . -13.21 -7.37 8.23
C6 58G B . -11.97 -3.24 4.31
C21 58G B . -9.48 -4.16 4.53
C4 58G B . -9.71 -2.82 4.71
C14 58G B . -13.72 -7.12 6.98
C7 58G B . -11.68 -4.57 4.15
C2 58G B . -8.61 -1.90 5.02
C11 58G B . -14.38 -7.92 4.82
C10 58G B . -13.75 -7.51 3.51
C13 58G B . -12.09 -7.27 5.22
C12 58G B . -13.27 -7.94 5.83
C9 58G B . -12.47 -6.80 3.84
N20 58G B . -10.44 -5.05 4.26
N1 58G B . -9.03 -0.69 5.49
N8 58G B . -12.78 -5.40 3.86
O3 58G B . -7.45 -2.23 4.86
#